data_6QRB
#
_entry.id   6QRB
#
_cell.length_a   75.461
_cell.length_b   77.752
_cell.length_c   86.780
_cell.angle_alpha   90.000
_cell.angle_beta   90.000
_cell.angle_gamma   90.000
#
_symmetry.space_group_name_H-M   'P 21 21 21'
#
loop_
_entity.id
_entity.type
_entity.pdbx_description
1 polymer 'tRNA (guanine-N(1)-)-methyltransferase'
2 non-polymer 5-azanyl-3-[1-[[(3~{R})-1-(phenylmethyl)piperidin-3-yl]methyl]indol-6-yl]-1~{H}-pyrazole-4-carbonitrile
3 water water
#
_entity_poly.entity_id   1
_entity_poly.type   'polypeptide(L)'
_entity_poly.pdbx_seq_one_letter_code
;GSMKIDVVTIFPEYLQPVRQSLPGKAIDAGLVDVAVHDLRRWTHDVHKSVDDSPYGGGPGMVMKPTVWGDALDEICTSET
LLVVPTPAGYPFTQETAWQWSTEDHLVIACGRYEGIDQRVADDAATRMRVREVSIGDYVLNGGEAAALVIIEAVLRLVPG
VLGNALSAQEDSHSEGMASLLEGPSYTRPPSWRGMDVPPVLLSGDHAKIAAWRAEQSRQRTIERRPDLLGFDSPTGEHGG
DGLS
;
_entity_poly.pdbx_strand_id   A,B
#
# COMPACT_ATOMS: atom_id res chain seq x y z
N GLY A 1 21.07 -9.21 1.46
CA GLY A 1 21.06 -10.50 2.12
C GLY A 1 20.33 -10.47 3.46
N SER A 2 20.60 -9.44 4.25
CA SER A 2 19.97 -9.31 5.57
C SER A 2 19.64 -7.85 5.88
N MET A 3 18.62 -7.62 6.70
CA MET A 3 18.17 -6.25 6.91
C MET A 3 17.55 -6.04 8.28
N LYS A 4 17.89 -4.90 8.89
CA LYS A 4 17.22 -4.45 10.11
C LYS A 4 16.28 -3.32 9.75
N ILE A 5 15.05 -3.39 10.25
CA ILE A 5 14.08 -2.32 10.03
C ILE A 5 13.58 -1.82 11.36
N ASP A 6 13.65 -0.51 11.58
CA ASP A 6 13.03 0.12 12.75
C ASP A 6 11.87 0.97 12.28
N VAL A 7 10.72 0.82 12.91
CA VAL A 7 9.57 1.66 12.63
C VAL A 7 9.24 2.53 13.86
N VAL A 8 9.05 3.82 13.64
CA VAL A 8 8.71 4.74 14.74
C VAL A 8 7.32 5.31 14.48
N THR A 9 6.44 5.20 15.46
CA THR A 9 5.04 5.52 15.28
C THR A 9 4.38 5.81 16.62
N ILE A 10 3.29 6.56 16.63
CA ILE A 10 2.53 6.70 17.88
C ILE A 10 1.49 5.59 18.01
N PHE A 11 1.37 4.75 16.99
CA PHE A 11 0.45 3.59 17.04
C PHE A 11 1.17 2.29 16.73
N PRO A 12 2.06 1.84 17.62
CA PRO A 12 2.83 0.62 17.32
C PRO A 12 1.97 -0.61 17.07
N GLU A 13 0.80 -0.69 17.69
CA GLU A 13 -0.09 -1.83 17.48
C GLU A 13 -0.52 -1.97 16.02
N TYR A 14 -0.46 -0.90 15.24
CA TYR A 14 -0.88 -0.97 13.83
C TYR A 14 0.15 -1.71 12.97
N LEU A 15 1.34 -1.93 13.50
CA LEU A 15 2.37 -2.66 12.78
C LEU A 15 2.27 -4.17 13.04
N GLN A 16 1.27 -4.57 13.82
CA GLN A 16 1.05 -6.01 14.12
C GLN A 16 1.05 -6.94 12.88
N PRO A 17 0.46 -6.51 11.74
CA PRO A 17 0.51 -7.40 10.58
C PRO A 17 1.92 -7.79 10.12
N VAL A 18 2.94 -6.97 10.38
CA VAL A 18 4.32 -7.34 9.99
C VAL A 18 4.82 -8.51 10.82
N ARG A 19 4.56 -8.46 12.13
CA ARG A 19 4.84 -9.57 13.03
C ARG A 19 4.15 -10.86 12.58
N GLN A 20 2.91 -10.73 12.11
CA GLN A 20 2.16 -11.89 11.63
C GLN A 20 2.76 -12.45 10.35
N SER A 21 3.45 -11.62 9.58
CA SER A 21 3.97 -12.02 8.27
C SER A 21 5.38 -12.60 8.29
N LEU A 22 6.12 -12.43 9.39
CA LEU A 22 7.51 -12.87 9.44
C LEU A 22 7.68 -14.33 9.86
N PRO A 23 8.22 -15.16 8.94
CA PRO A 23 8.54 -16.55 9.26
C PRO A 23 9.61 -16.64 10.34
N GLY A 24 9.49 -17.63 11.24
CA GLY A 24 10.47 -17.81 12.30
C GLY A 24 11.86 -18.13 11.79
N LYS A 25 11.94 -18.86 10.68
CA LYS A 25 13.24 -19.27 10.14
C LYS A 25 14.08 -18.08 9.66
N ALA A 26 13.44 -17.05 9.13
CA ALA A 26 14.16 -15.88 8.65
C ALA A 26 14.75 -15.08 9.81
N ILE A 27 13.99 -14.98 10.88
CA ILE A 27 14.45 -14.30 12.08
C ILE A 27 15.57 -15.11 12.74
N ASP A 28 15.38 -16.41 12.85
CA ASP A 28 16.37 -17.29 13.49
C ASP A 28 17.67 -17.37 12.71
N ALA A 29 17.59 -17.25 11.39
CA ALA A 29 18.80 -17.25 10.57
C ALA A 29 19.43 -15.86 10.53
N GLY A 30 18.88 -14.95 11.33
CA GLY A 30 19.36 -13.58 11.39
C GLY A 30 19.31 -12.86 10.04
N LEU A 31 18.33 -13.21 9.22
CA LEU A 31 18.18 -12.54 7.93
C LEU A 31 17.42 -11.23 8.06
N VAL A 32 16.60 -11.12 9.10
CA VAL A 32 15.76 -9.94 9.25
C VAL A 32 15.41 -9.70 10.70
N ASP A 33 15.26 -8.42 11.04
CA ASP A 33 14.75 -8.02 12.32
C ASP A 33 13.92 -6.76 12.10
N VAL A 34 12.72 -6.74 12.66
CA VAL A 34 11.84 -5.58 12.58
C VAL A 34 11.44 -5.15 13.97
N ALA A 35 11.85 -3.95 14.37
CA ALA A 35 11.52 -3.43 15.67
C ALA A 35 10.57 -2.26 15.52
N VAL A 36 9.54 -2.22 16.36
CA VAL A 36 8.59 -1.10 16.33
C VAL A 36 8.67 -0.31 17.62
N HIS A 37 8.83 1.01 17.48
CA HIS A 37 9.01 1.90 18.63
C HIS A 37 7.88 2.90 18.78
N ASP A 38 7.38 3.04 20.00
CA ASP A 38 6.42 4.08 20.34
C ASP A 38 7.12 5.44 20.43
N LEU A 39 6.74 6.38 19.55
CA LEU A 39 7.35 7.71 19.55
C LEU A 39 7.26 8.39 20.91
N ARG A 40 6.20 8.09 21.66
CA ARG A 40 5.97 8.78 22.93
C ARG A 40 7.05 8.47 23.97
N ARG A 41 7.83 7.42 23.74
CA ARG A 41 9.05 7.19 24.55
C ARG A 41 10.00 8.39 24.56
N TRP A 42 9.97 9.20 23.51
CA TRP A 42 10.88 10.35 23.41
C TRP A 42 10.20 11.70 23.69
N THR A 43 9.00 11.70 24.26
CA THR A 43 8.37 12.95 24.61
C THR A 43 9.03 13.54 25.88
N HIS A 44 8.83 14.84 26.09
CA HIS A 44 9.54 15.55 27.17
C HIS A 44 8.67 15.88 28.38
N ASP A 45 7.36 15.82 28.21
CA ASP A 45 6.44 16.39 29.18
C ASP A 45 5.49 15.33 29.74
N VAL A 46 4.80 15.68 30.82
CA VAL A 46 3.94 14.71 31.50
C VAL A 46 2.76 14.30 30.61
N HIS A 47 2.35 15.19 29.71
CA HIS A 47 1.23 14.90 28.83
C HIS A 47 1.64 14.14 27.57
N LYS A 48 2.93 13.81 27.46
CA LYS A 48 3.50 13.06 26.33
C LYS A 48 3.07 13.64 24.99
N SER A 49 3.32 14.95 24.80
CA SER A 49 2.89 15.68 23.62
C SER A 49 3.78 15.39 22.39
N VAL A 50 3.14 15.03 21.28
CA VAL A 50 3.88 14.78 20.04
C VAL A 50 3.53 15.80 18.96
N ASP A 51 2.57 16.68 19.23
CA ASP A 51 2.09 17.62 18.21
C ASP A 51 1.87 19.04 18.74
N ASP A 52 1.77 20.00 17.83
CA ASP A 52 1.68 21.41 18.20
C ASP A 52 1.10 22.20 17.01
N SER A 53 0.62 23.42 17.24
CA SER A 53 -0.02 24.19 16.18
C SER A 53 0.95 24.60 15.08
N PRO A 54 0.48 24.64 13.82
CA PRO A 54 1.36 24.98 12.71
C PRO A 54 1.67 26.46 12.62
N TYR A 55 2.93 26.81 12.41
CA TYR A 55 3.29 28.18 12.08
C TYR A 55 2.63 28.58 10.78
N GLY A 56 2.07 29.79 10.77
CA GLY A 56 1.45 30.33 9.57
C GLY A 56 0.02 29.85 9.41
N GLY A 57 -0.48 29.14 10.42
CA GLY A 57 -1.86 28.72 10.44
C GLY A 57 -2.09 27.50 9.58
N GLY A 58 -3.30 26.97 9.65
CA GLY A 58 -3.63 25.81 8.86
C GLY A 58 -4.52 24.87 9.60
N PRO A 59 -4.98 23.83 8.91
CA PRO A 59 -5.81 22.82 9.55
C PRO A 59 -4.90 21.83 10.27
N GLY A 60 -5.32 21.34 11.41
CA GLY A 60 -4.58 20.27 12.05
C GLY A 60 -3.22 20.64 12.58
N MET A 61 -2.64 19.70 13.31
CA MET A 61 -1.41 19.93 14.05
C MET A 61 -0.22 19.36 13.30
N VAL A 62 0.97 19.79 13.71
CA VAL A 62 2.23 19.34 13.14
C VAL A 62 3.02 18.62 14.21
N MET A 63 3.67 17.50 13.86
CA MET A 63 4.43 16.76 14.87
C MET A 63 5.74 17.49 15.25
N LYS A 64 6.07 17.44 16.53
CA LYS A 64 7.15 18.26 17.09
C LYS A 64 8.54 17.82 16.68
N PRO A 65 9.38 18.77 16.24
CA PRO A 65 10.74 18.39 15.84
C PRO A 65 11.62 17.93 16.99
N THR A 66 11.41 18.46 18.19
CA THR A 66 12.27 18.06 19.29
C THR A 66 12.04 16.58 19.67
N VAL A 67 10.81 16.11 19.60
CA VAL A 67 10.53 14.70 19.89
C VAL A 67 11.07 13.79 18.79
N TRP A 68 10.76 14.10 17.53
CA TRP A 68 11.24 13.27 16.43
C TRP A 68 12.77 13.27 16.34
N GLY A 69 13.36 14.45 16.57
CA GLY A 69 14.80 14.57 16.55
C GLY A 69 15.48 13.66 17.56
N ASP A 70 14.96 13.63 18.80
CA ASP A 70 15.51 12.74 19.81
C ASP A 70 15.36 11.28 19.43
N ALA A 71 14.20 10.90 18.91
CA ALA A 71 13.96 9.51 18.53
C ALA A 71 14.92 9.05 17.46
N LEU A 72 15.04 9.83 16.38
CA LEU A 72 15.89 9.45 15.27
C LEU A 72 17.38 9.51 15.62
N ASP A 73 17.76 10.45 16.50
CA ASP A 73 19.13 10.51 17.02
C ASP A 73 19.52 9.19 17.66
N GLU A 74 18.60 8.62 18.42
CA GLU A 74 18.86 7.35 19.10
C GLU A 74 18.89 6.17 18.14
N ILE A 75 17.95 6.15 17.19
CA ILE A 75 17.76 4.97 16.34
C ILE A 75 18.65 4.95 15.08
N CYS A 76 18.88 6.11 14.48
CA CYS A 76 19.63 6.15 13.22
C CYS A 76 21.13 6.24 13.42
N THR A 77 21.87 5.79 12.40
CA THR A 77 23.29 6.10 12.25
C THR A 77 23.51 6.74 10.87
N SER A 78 24.75 7.13 10.58
CA SER A 78 25.10 7.65 9.26
C SER A 78 24.85 6.64 8.14
N GLU A 79 24.70 5.36 8.49
CA GLU A 79 24.54 4.29 7.50
C GLU A 79 23.06 3.96 7.25
N THR A 80 22.18 4.61 8.00
CA THR A 80 20.74 4.40 7.90
C THR A 80 20.12 4.96 6.62
N LEU A 81 19.17 4.23 6.04
CA LEU A 81 18.26 4.81 5.06
C LEU A 81 16.98 5.22 5.77
N LEU A 82 16.74 6.53 5.86
CA LEU A 82 15.58 7.02 6.57
C LEU A 82 14.43 7.23 5.59
N VAL A 83 13.37 6.44 5.79
CA VAL A 83 12.20 6.49 4.91
C VAL A 83 11.06 7.24 5.60
N VAL A 84 10.51 8.24 4.92
CA VAL A 84 9.44 9.07 5.48
C VAL A 84 8.22 9.03 4.55
N PRO A 85 7.22 8.20 4.90
CA PRO A 85 6.01 8.23 4.10
C PRO A 85 5.34 9.60 4.15
N THR A 86 4.85 10.06 3.01
CA THR A 86 4.15 11.32 2.93
C THR A 86 3.42 11.37 1.60
N PRO A 87 2.21 11.93 1.59
CA PRO A 87 1.52 12.02 0.30
C PRO A 87 2.19 13.06 -0.62
N ALA A 88 3.17 13.81 -0.12
CA ALA A 88 3.91 14.75 -0.95
C ALA A 88 5.24 14.16 -1.38
N GLY A 89 5.39 12.85 -1.25
CA GLY A 89 6.67 12.22 -1.53
C GLY A 89 6.90 11.87 -2.99
N TYR A 90 8.13 11.51 -3.32
CA TYR A 90 8.44 10.84 -4.58
C TYR A 90 7.64 9.52 -4.65
N PRO A 91 7.30 9.07 -5.87
CA PRO A 91 6.55 7.80 -5.97
C PRO A 91 7.36 6.59 -5.50
N PHE A 92 6.80 5.78 -4.61
CA PHE A 92 7.41 4.51 -4.26
C PHE A 92 6.98 3.49 -5.31
N THR A 93 7.94 2.92 -6.04
CA THR A 93 7.68 1.95 -7.11
C THR A 93 8.50 0.68 -6.93
N GLN A 94 8.30 -0.29 -7.81
CA GLN A 94 9.04 -1.54 -7.74
C GLN A 94 10.54 -1.30 -7.89
N GLU A 95 10.91 -0.28 -8.67
CA GLU A 95 12.32 0.08 -8.79
C GLU A 95 12.85 0.49 -7.43
N THR A 96 12.07 1.29 -6.70
CA THR A 96 12.47 1.70 -5.36
C THR A 96 12.65 0.48 -4.44
N ALA A 97 11.68 -0.43 -4.49
CA ALA A 97 11.69 -1.61 -3.66
C ALA A 97 12.96 -2.43 -3.96
N TRP A 98 13.28 -2.59 -5.24
CA TRP A 98 14.50 -3.32 -5.61
C TRP A 98 15.74 -2.63 -5.06
N GLN A 99 15.81 -1.31 -5.22
CA GLN A 99 16.98 -0.58 -4.70
C GLN A 99 17.13 -0.74 -3.18
N TRP A 100 16.03 -0.65 -2.44
CA TRP A 100 16.12 -0.68 -0.98
C TRP A 100 16.32 -2.10 -0.43
N SER A 101 16.08 -3.13 -1.24
CA SER A 101 16.15 -4.51 -0.75
C SER A 101 17.57 -4.93 -0.39
N THR A 102 18.56 -4.16 -0.84
CA THR A 102 19.97 -4.48 -0.54
C THR A 102 20.53 -3.67 0.62
N GLU A 103 19.71 -2.78 1.18
CA GLU A 103 20.12 -1.96 2.32
C GLU A 103 20.28 -2.78 3.60
N ASP A 104 21.08 -2.27 4.55
CA ASP A 104 21.27 -2.96 5.82
C ASP A 104 20.37 -2.45 6.95
N HIS A 105 20.00 -1.17 6.88
CA HIS A 105 19.21 -0.56 7.94
C HIS A 105 18.23 0.47 7.40
N LEU A 106 16.94 0.13 7.45
CA LEU A 106 15.88 1.07 7.13
C LEU A 106 15.22 1.53 8.41
N VAL A 107 15.00 2.84 8.51
CA VAL A 107 14.18 3.39 9.57
C VAL A 107 13.02 4.08 8.91
N ILE A 108 11.81 3.74 9.34
CA ILE A 108 10.62 4.32 8.75
C ILE A 108 9.94 5.23 9.77
N ALA A 109 9.86 6.52 9.44
CA ALA A 109 9.27 7.49 10.37
C ALA A 109 7.81 7.73 10.00
N CYS A 110 6.89 7.16 10.77
CA CYS A 110 5.45 7.27 10.47
C CYS A 110 4.83 8.49 11.10
N GLY A 111 4.36 9.40 10.24
CA GLY A 111 3.69 10.58 10.72
C GLY A 111 2.20 10.37 10.94
N ARG A 112 1.62 11.33 11.65
CA ARG A 112 0.18 11.46 11.84
C ARG A 112 -0.14 12.96 11.81
N TYR A 113 -1.40 13.30 12.06
CA TYR A 113 -1.84 14.70 12.03
C TYR A 113 -1.51 15.28 10.65
N GLU A 114 -0.91 16.48 10.60
CA GLU A 114 -0.55 17.06 9.31
C GLU A 114 0.91 16.81 8.96
N GLY A 115 1.49 15.78 9.58
CA GLY A 115 2.85 15.41 9.24
C GLY A 115 3.90 15.93 10.23
N ILE A 116 5.16 15.75 9.86
CA ILE A 116 6.29 16.07 10.71
C ILE A 116 6.94 17.39 10.29
N ASP A 117 7.23 18.25 11.27
CA ASP A 117 8.04 19.45 11.02
C ASP A 117 9.16 19.14 10.03
N GLN A 118 9.21 19.91 8.94
CA GLN A 118 10.15 19.65 7.84
C GLN A 118 11.62 19.65 8.25
N ARG A 119 11.94 20.36 9.32
CA ARG A 119 13.34 20.45 9.74
C ARG A 119 13.89 19.10 10.18
N VAL A 120 13.02 18.18 10.59
CA VAL A 120 13.47 16.85 11.02
C VAL A 120 14.16 16.13 9.86
N ALA A 121 13.47 16.05 8.72
CA ALA A 121 14.04 15.37 7.56
C ALA A 121 15.23 16.17 6.98
N ASP A 122 15.12 17.49 6.97
CA ASP A 122 16.19 18.33 6.43
C ASP A 122 17.47 18.21 7.25
N ASP A 123 17.34 18.17 8.58
CA ASP A 123 18.49 17.96 9.46
C ASP A 123 19.07 16.56 9.24
N ALA A 124 18.21 15.54 9.20
CA ALA A 124 18.66 14.17 9.04
C ALA A 124 19.44 14.01 7.75
N ALA A 125 19.01 14.72 6.72
CA ALA A 125 19.59 14.59 5.39
C ALA A 125 21.02 15.13 5.32
N THR A 126 21.43 15.88 6.34
CA THR A 126 22.83 16.36 6.36
C THR A 126 23.80 15.29 6.87
N ARG A 127 23.30 14.13 7.31
CA ARG A 127 24.23 13.09 7.70
C ARG A 127 23.80 11.66 7.38
N MET A 128 22.64 11.51 6.74
CA MET A 128 22.21 10.20 6.25
C MET A 128 21.35 10.34 5.00
N ARG A 129 21.12 9.23 4.29
CA ARG A 129 20.24 9.24 3.13
C ARG A 129 18.80 9.27 3.61
N VAL A 130 18.01 10.22 3.08
CA VAL A 130 16.62 10.40 3.48
C VAL A 130 15.75 10.34 2.24
N ARG A 131 14.64 9.61 2.34
CA ARG A 131 13.73 9.46 1.21
C ARG A 131 12.29 9.71 1.63
N GLU A 132 11.72 10.81 1.17
CA GLU A 132 10.30 11.08 1.33
C GLU A 132 9.56 10.40 0.17
N VAL A 133 8.64 9.49 0.47
CA VAL A 133 7.97 8.71 -0.57
C VAL A 133 6.48 8.55 -0.32
N SER A 134 5.71 8.37 -1.40
CA SER A 134 4.27 8.10 -1.32
C SER A 134 3.92 6.77 -1.99
N ILE A 135 3.01 5.98 -1.41
CA ILE A 135 2.69 4.68 -1.99
C ILE A 135 1.56 4.75 -3.00
N GLY A 136 0.97 5.93 -3.18
CA GLY A 136 -0.11 6.03 -4.15
C GLY A 136 -0.90 7.31 -4.06
N ASP A 137 -1.77 7.54 -5.04
CA ASP A 137 -2.47 8.80 -5.12
C ASP A 137 -3.84 8.78 -4.44
N TYR A 138 -3.81 8.56 -3.12
CA TYR A 138 -5.00 8.58 -2.27
C TYR A 138 -4.49 9.09 -0.94
N VAL A 139 -5.41 9.48 -0.06
CA VAL A 139 -5.08 10.01 1.25
C VAL A 139 -5.34 9.01 2.37
N LEU A 140 -4.31 8.75 3.18
CA LEU A 140 -4.43 7.87 4.34
C LEU A 140 -4.49 8.71 5.63
N ASN A 141 -4.64 8.06 6.79
CA ASN A 141 -4.66 8.78 8.08
C ASN A 141 -3.27 9.07 8.65
N GLY A 142 -2.27 8.41 8.11
CA GLY A 142 -0.92 8.53 8.65
C GLY A 142 0.00 7.59 7.90
N GLY A 143 1.24 7.48 8.36
CA GLY A 143 2.24 6.75 7.60
C GLY A 143 2.25 5.24 7.83
N GLU A 144 1.48 4.76 8.81
CA GLU A 144 1.57 3.36 9.22
C GLU A 144 1.15 2.37 8.11
N ALA A 145 0.05 2.63 7.43
CA ALA A 145 -0.36 1.72 6.35
C ALA A 145 0.67 1.72 5.21
N ALA A 146 1.26 2.88 4.95
CA ALA A 146 2.31 2.98 3.96
C ALA A 146 3.53 2.18 4.40
N ALA A 147 3.84 2.19 5.69
CA ALA A 147 4.95 1.38 6.19
C ALA A 147 4.71 -0.11 5.94
N LEU A 148 3.48 -0.58 6.14
CA LEU A 148 3.16 -1.99 5.90
C LEU A 148 3.40 -2.38 4.44
N VAL A 149 2.97 -1.52 3.52
CA VAL A 149 3.17 -1.74 2.10
C VAL A 149 4.66 -1.72 1.74
N ILE A 150 5.39 -0.75 2.26
CA ILE A 150 6.80 -0.59 1.91
C ILE A 150 7.60 -1.79 2.45
N ILE A 151 7.33 -2.16 3.68
CA ILE A 151 8.03 -3.30 4.29
C ILE A 151 7.77 -4.59 3.50
N GLU A 152 6.52 -4.84 3.13
CA GLU A 152 6.22 -6.05 2.37
C GLU A 152 6.88 -6.03 0.99
N ALA A 153 6.77 -4.92 0.26
CA ALA A 153 7.33 -4.84 -1.09
C ALA A 153 8.85 -5.02 -1.10
N VAL A 154 9.50 -4.47 -0.08
CA VAL A 154 10.95 -4.58 0.04
C VAL A 154 11.39 -5.95 0.53
N LEU A 155 10.81 -6.44 1.63
CA LEU A 155 11.30 -7.70 2.21
C LEU A 155 11.01 -8.91 1.33
N ARG A 156 9.97 -8.87 0.50
CA ARG A 156 9.69 -10.03 -0.33
C ARG A 156 10.78 -10.19 -1.40
N LEU A 157 11.59 -9.15 -1.60
CA LEU A 157 12.69 -9.22 -2.56
C LEU A 157 13.96 -9.74 -1.90
N VAL A 158 13.96 -9.84 -0.58
CA VAL A 158 15.12 -10.37 0.15
C VAL A 158 14.96 -11.88 0.28
N PRO A 159 15.83 -12.65 -0.38
CA PRO A 159 15.72 -14.11 -0.44
C PRO A 159 15.50 -14.75 0.92
N GLY A 160 14.42 -15.53 1.04
CA GLY A 160 14.12 -16.29 2.24
C GLY A 160 13.42 -15.55 3.37
N VAL A 161 13.09 -14.28 3.18
CA VAL A 161 12.62 -13.51 4.33
C VAL A 161 11.12 -13.63 4.60
N LEU A 162 10.29 -13.60 3.56
CA LEU A 162 8.84 -13.67 3.78
C LEU A 162 8.25 -15.04 3.41
N GLY A 163 9.08 -15.93 2.88
CA GLY A 163 8.62 -17.27 2.57
C GLY A 163 8.17 -17.44 1.13
N ASN A 164 8.10 -16.35 0.39
CA ASN A 164 7.74 -16.39 -1.02
C ASN A 164 8.94 -16.77 -1.87
N ALA A 165 8.65 -17.36 -3.03
CA ALA A 165 9.70 -17.69 -3.99
C ALA A 165 9.79 -16.57 -5.00
N LEU A 166 10.96 -16.40 -5.62
CA LEU A 166 11.11 -15.42 -6.67
C LEU A 166 11.24 -16.13 -8.02
N SER A 167 10.17 -16.08 -8.81
CA SER A 167 10.12 -16.82 -10.07
C SER A 167 11.03 -16.22 -11.13
N ALA A 168 11.24 -16.98 -12.21
CA ALA A 168 12.06 -16.53 -13.32
C ALA A 168 11.36 -15.44 -14.14
N GLN A 169 10.03 -15.55 -14.23
CA GLN A 169 9.24 -14.56 -14.95
C GLN A 169 9.40 -13.15 -14.37
N SER A 179 6.43 -1.42 -19.76
CA SER A 179 6.07 -2.73 -19.25
C SER A 179 4.59 -3.00 -19.55
N LEU A 180 4.14 -4.22 -19.29
CA LEU A 180 2.75 -4.58 -19.55
C LEU A 180 2.12 -5.24 -18.33
N LEU A 181 0.81 -5.12 -18.19
CA LEU A 181 0.10 -5.81 -17.10
C LEU A 181 0.03 -7.31 -17.37
N GLU A 182 0.05 -8.10 -16.30
CA GLU A 182 -0.16 -9.54 -16.44
C GLU A 182 -1.61 -9.84 -16.81
N GLY A 183 -1.80 -10.82 -17.69
CA GLY A 183 -3.12 -11.25 -18.12
C GLY A 183 -3.73 -12.21 -17.11
N PRO A 184 -4.86 -12.82 -17.46
CA PRO A 184 -5.63 -13.70 -16.55
C PRO A 184 -4.99 -15.05 -16.35
N SER A 185 -5.17 -15.63 -15.16
CA SER A 185 -4.69 -16.98 -14.85
CA SER A 185 -4.70 -16.98 -14.89
C SER A 185 -5.87 -17.91 -14.59
N TYR A 186 -5.66 -19.19 -14.83
CA TYR A 186 -6.68 -20.21 -14.67
C TYR A 186 -6.14 -21.49 -14.03
N THR A 187 -6.98 -22.18 -13.27
CA THR A 187 -6.61 -23.47 -12.71
C THR A 187 -7.85 -24.38 -12.72
N ARG A 188 -7.74 -25.56 -12.09
CA ARG A 188 -8.87 -26.49 -12.02
C ARG A 188 -10.07 -25.84 -11.34
N PRO A 189 -11.30 -26.25 -11.72
CA PRO A 189 -11.64 -27.28 -12.71
C PRO A 189 -11.71 -26.68 -14.11
N PRO A 190 -11.58 -27.52 -15.14
CA PRO A 190 -11.57 -26.98 -16.50
C PRO A 190 -12.87 -26.27 -16.90
N SER A 191 -13.98 -26.62 -16.25
CA SER A 191 -15.24 -25.92 -16.48
CA SER A 191 -15.25 -25.92 -16.47
C SER A 191 -15.92 -25.57 -15.14
N TRP A 192 -16.36 -24.32 -15.00
CA TRP A 192 -16.93 -23.87 -13.73
C TRP A 192 -18.00 -22.81 -13.98
N ARG A 193 -19.20 -23.04 -13.44
CA ARG A 193 -20.35 -22.15 -13.67
C ARG A 193 -20.53 -21.75 -15.14
N GLY A 194 -20.34 -22.70 -16.04
CA GLY A 194 -20.54 -22.44 -17.45
C GLY A 194 -19.37 -21.75 -18.12
N MET A 195 -18.30 -21.51 -17.37
CA MET A 195 -17.12 -20.88 -17.96
C MET A 195 -15.96 -21.87 -18.09
N ASP A 196 -15.55 -22.11 -19.34
CA ASP A 196 -14.43 -23.00 -19.62
C ASP A 196 -13.10 -22.25 -19.58
N VAL A 197 -12.06 -22.93 -19.12
CA VAL A 197 -10.72 -22.40 -19.28
C VAL A 197 -10.44 -22.27 -20.76
N PRO A 198 -9.84 -21.16 -21.21
CA PRO A 198 -9.51 -20.94 -22.63
C PRO A 198 -8.76 -22.14 -23.20
N PRO A 199 -9.32 -22.78 -24.24
CA PRO A 199 -8.80 -24.03 -24.80
C PRO A 199 -7.31 -23.97 -25.16
N VAL A 200 -6.82 -22.82 -25.59
CA VAL A 200 -5.43 -22.70 -26.00
C VAL A 200 -4.50 -23.12 -24.85
N LEU A 201 -4.93 -22.89 -23.61
CA LEU A 201 -4.07 -23.21 -22.46
C LEU A 201 -3.91 -24.71 -22.29
N LEU A 202 -4.82 -25.49 -22.87
CA LEU A 202 -4.73 -26.95 -22.80
C LEU A 202 -4.25 -27.57 -24.11
N SER A 203 -3.69 -26.76 -24.99
CA SER A 203 -3.36 -27.22 -26.35
C SER A 203 -2.00 -27.90 -26.45
N GLY A 204 -1.13 -27.68 -25.47
CA GLY A 204 0.24 -28.18 -25.56
C GLY A 204 1.07 -27.48 -26.63
N ASP A 205 0.55 -26.38 -27.18
CA ASP A 205 1.33 -25.56 -28.11
C ASP A 205 1.87 -24.36 -27.36
N HIS A 206 3.08 -24.47 -26.82
CA HIS A 206 3.54 -23.46 -25.87
C HIS A 206 3.97 -22.16 -26.52
N ALA A 207 4.32 -22.18 -27.80
CA ALA A 207 4.56 -20.92 -28.52
C ALA A 207 3.24 -20.15 -28.70
N LYS A 208 2.19 -20.88 -29.04
CA LYS A 208 0.87 -20.25 -29.20
C LYS A 208 0.34 -19.71 -27.88
N ILE A 209 0.54 -20.48 -26.80
CA ILE A 209 0.13 -20.06 -25.48
C ILE A 209 0.79 -18.74 -25.09
N ALA A 210 2.10 -18.64 -25.34
CA ALA A 210 2.83 -17.43 -25.00
C ALA A 210 2.32 -16.24 -25.80
N ALA A 211 1.99 -16.47 -27.07
CA ALA A 211 1.44 -15.40 -27.91
C ALA A 211 0.07 -14.96 -27.42
N TRP A 212 -0.77 -15.91 -27.02
CA TRP A 212 -2.10 -15.64 -26.49
C TRP A 212 -1.98 -14.80 -25.22
N ARG A 213 -1.08 -15.21 -24.31
CA ARG A 213 -0.88 -14.44 -23.09
C ARG A 213 -0.37 -13.03 -23.35
N ALA A 214 0.54 -12.88 -24.33
CA ALA A 214 1.06 -11.55 -24.67
C ALA A 214 -0.08 -10.66 -25.17
N GLU A 215 -0.95 -11.21 -26.02
CA GLU A 215 -2.07 -10.41 -26.53
C GLU A 215 -3.07 -10.04 -25.42
N GLN A 216 -3.32 -10.96 -24.49
CA GLN A 216 -4.17 -10.67 -23.33
C GLN A 216 -3.58 -9.51 -22.53
N SER A 217 -2.26 -9.57 -22.34
CA SER A 217 -1.53 -8.54 -21.62
CA SER A 217 -1.57 -8.53 -21.58
C SER A 217 -1.68 -7.19 -22.30
N ARG A 218 -1.50 -7.18 -23.62
CA ARG A 218 -1.63 -5.96 -24.41
C ARG A 218 -3.02 -5.35 -24.23
N GLN A 219 -4.06 -6.17 -24.39
CA GLN A 219 -5.43 -5.66 -24.32
C GLN A 219 -5.74 -5.15 -22.92
N ARG A 220 -5.28 -5.87 -21.91
CA ARG A 220 -5.57 -5.45 -20.54
C ARG A 220 -4.88 -4.12 -20.23
N THR A 221 -3.67 -3.96 -20.74
CA THR A 221 -2.90 -2.75 -20.49
C THR A 221 -3.56 -1.54 -21.17
N ILE A 222 -3.99 -1.73 -22.42
CA ILE A 222 -4.69 -0.67 -23.15
C ILE A 222 -5.94 -0.24 -22.42
N GLU A 223 -6.67 -1.22 -21.87
CA GLU A 223 -7.93 -0.93 -21.19
C GLU A 223 -7.74 -0.30 -19.82
N ARG A 224 -6.77 -0.79 -19.05
CA ARG A 224 -6.68 -0.41 -17.65
C ARG A 224 -5.57 0.58 -17.33
N ARG A 225 -4.48 0.50 -18.09
CA ARG A 225 -3.30 1.35 -17.85
C ARG A 225 -2.71 1.90 -19.12
N PRO A 226 -3.49 2.69 -19.89
CA PRO A 226 -2.93 3.22 -21.14
C PRO A 226 -1.70 4.11 -20.92
N ASP A 227 -1.53 4.65 -19.71
CA ASP A 227 -0.35 5.45 -19.37
C ASP A 227 0.96 4.67 -19.54
N LEU A 228 0.89 3.34 -19.52
CA LEU A 228 2.09 2.52 -19.65
C LEU A 228 2.55 2.35 -21.10
N LEU A 229 1.80 2.93 -22.05
CA LEU A 229 2.10 2.71 -23.47
C LEU A 229 2.45 3.98 -24.22
N SER B 2 -23.31 5.20 5.99
CA SER B 2 -23.31 3.87 6.58
C SER B 2 -22.76 2.82 5.60
N MET B 3 -21.80 2.03 6.07
CA MET B 3 -21.12 1.07 5.21
C MET B 3 -20.72 -0.20 5.93
N LYS B 4 -20.96 -1.33 5.28
CA LYS B 4 -20.40 -2.60 5.74
C LYS B 4 -19.28 -3.02 4.80
N ILE B 5 -18.13 -3.38 5.37
CA ILE B 5 -17.04 -3.96 4.59
C ILE B 5 -16.74 -5.39 5.04
N ASP B 6 -16.83 -6.35 4.11
CA ASP B 6 -16.41 -7.71 4.40
C ASP B 6 -15.11 -8.00 3.66
N VAL B 7 -14.14 -8.56 4.35
CA VAL B 7 -12.88 -8.93 3.70
C VAL B 7 -12.74 -10.45 3.73
N VAL B 8 -12.42 -11.04 2.58
CA VAL B 8 -12.26 -12.50 2.50
C VAL B 8 -10.80 -12.83 2.20
N THR B 9 -10.20 -13.68 3.02
CA THR B 9 -8.75 -13.91 2.95
C THR B 9 -8.40 -15.30 3.50
N ILE B 10 -7.31 -15.89 3.02
CA ILE B 10 -6.80 -17.12 3.65
C ILE B 10 -5.79 -16.76 4.75
N PHE B 11 -5.57 -15.47 4.94
CA PHE B 11 -4.62 -14.97 5.93
C PHE B 11 -5.30 -13.99 6.88
N PRO B 12 -6.36 -14.43 7.60
CA PRO B 12 -7.15 -13.50 8.41
C PRO B 12 -6.33 -12.91 9.55
N GLU B 13 -5.32 -13.64 10.00
CA GLU B 13 -4.43 -13.19 11.08
C GLU B 13 -3.75 -11.86 10.74
N TYR B 14 -3.52 -11.59 9.47
CA TYR B 14 -2.90 -10.35 9.05
C TYR B 14 -3.75 -9.12 9.40
N LEU B 15 -5.07 -9.25 9.24
CA LEU B 15 -5.98 -8.09 9.23
C LEU B 15 -6.68 -7.70 10.53
N GLN B 16 -5.96 -7.56 11.64
CA GLN B 16 -6.67 -7.11 12.85
C GLN B 16 -6.02 -5.99 13.66
N PRO B 17 -5.28 -5.09 12.97
CA PRO B 17 -5.50 -3.71 13.39
C PRO B 17 -6.97 -3.41 13.34
N VAL B 18 -7.63 -3.70 12.21
CA VAL B 18 -9.05 -3.49 12.04
C VAL B 18 -9.91 -4.17 13.11
N GLY B 30 -19.71 3.22 14.30
CA GLY B 30 -21.12 2.87 14.36
C GLY B 30 -21.81 3.08 13.03
N LEU B 31 -21.27 4.03 12.27
CA LEU B 31 -21.73 4.25 10.91
C LEU B 31 -21.11 3.21 10.00
N VAL B 32 -20.11 2.50 10.50
CA VAL B 32 -19.38 1.54 9.69
C VAL B 32 -19.04 0.28 10.49
N ASP B 33 -18.96 -0.85 9.80
CA ASP B 33 -18.45 -2.08 10.38
C ASP B 33 -17.59 -2.82 9.38
N VAL B 34 -16.56 -3.51 9.88
CA VAL B 34 -15.66 -4.30 9.05
C VAL B 34 -15.57 -5.72 9.60
N ALA B 35 -15.83 -6.71 8.75
CA ALA B 35 -15.71 -8.11 9.16
C ALA B 35 -14.65 -8.81 8.33
N VAL B 36 -13.86 -9.68 8.95
CA VAL B 36 -12.86 -10.48 8.24
C VAL B 36 -13.26 -11.95 8.23
N HIS B 37 -13.25 -12.55 7.04
CA HIS B 37 -13.67 -13.94 6.86
C HIS B 37 -12.53 -14.83 6.36
N ASP B 38 -12.34 -15.97 7.01
CA ASP B 38 -11.36 -16.95 6.57
C ASP B 38 -11.93 -17.78 5.41
N LEU B 39 -11.35 -17.61 4.23
CA LEU B 39 -11.80 -18.32 3.04
C LEU B 39 -11.85 -19.84 3.24
N ARG B 40 -10.93 -20.36 4.02
CA ARG B 40 -10.82 -21.81 4.19
C ARG B 40 -12.06 -22.42 4.85
N ARG B 41 -12.86 -21.59 5.50
CA ARG B 41 -14.13 -22.04 6.07
C ARG B 41 -15.10 -22.59 5.02
N TRP B 42 -14.90 -22.22 3.75
CA TRP B 42 -15.79 -22.68 2.68
C TRP B 42 -15.22 -23.83 1.89
N THR B 43 -14.16 -24.45 2.42
CA THR B 43 -13.49 -25.52 1.70
C THR B 43 -14.42 -26.70 1.43
N HIS B 44 -14.24 -27.33 0.27
CA HIS B 44 -15.03 -28.49 -0.10
C HIS B 44 -14.48 -29.75 0.53
N ASP B 45 -13.18 -29.74 0.82
CA ASP B 45 -12.52 -30.86 1.47
C ASP B 45 -11.36 -30.36 2.32
N VAL B 46 -11.42 -30.65 3.61
CA VAL B 46 -10.39 -30.20 4.56
C VAL B 46 -8.99 -30.66 4.16
N HIS B 47 -8.91 -31.80 3.48
CA HIS B 47 -7.62 -32.36 3.08
C HIS B 47 -7.15 -31.82 1.72
N LYS B 48 -7.83 -30.79 1.21
CA LYS B 48 -7.44 -30.18 -0.06
C LYS B 48 -7.12 -28.70 0.09
N SER B 49 -6.13 -28.23 -0.67
CA SER B 49 -5.71 -26.83 -0.61
C SER B 49 -6.58 -25.97 -1.52
N VAL B 50 -6.61 -24.67 -1.26
CA VAL B 50 -7.40 -23.76 -2.09
C VAL B 50 -6.69 -23.47 -3.43
N ASP B 51 -5.42 -23.82 -3.52
CA ASP B 51 -4.64 -23.51 -4.72
C ASP B 51 -4.34 -24.75 -5.58
N ASP B 52 -4.08 -24.53 -6.86
CA ASP B 52 -3.66 -25.62 -7.74
C ASP B 52 -2.76 -25.04 -8.84
N SER B 53 -2.13 -25.91 -9.61
CA SER B 53 -1.24 -25.48 -10.69
C SER B 53 -1.97 -24.77 -11.82
N PRO B 54 -1.28 -23.83 -12.50
CA PRO B 54 -1.92 -23.03 -13.56
C PRO B 54 -2.06 -23.78 -14.87
N TYR B 55 -3.23 -23.71 -15.48
CA TYR B 55 -3.35 -24.22 -16.84
C TYR B 55 -2.46 -23.42 -17.76
N GLY B 56 -1.78 -24.12 -18.67
CA GLY B 56 -0.91 -23.48 -19.63
C GLY B 56 0.48 -23.21 -19.06
N GLY B 57 0.67 -23.54 -17.79
CA GLY B 57 1.95 -23.31 -17.14
C GLY B 57 2.06 -21.92 -16.53
N GLY B 58 3.15 -21.69 -15.81
CA GLY B 58 3.38 -20.39 -15.22
C GLY B 58 4.15 -20.55 -13.95
N PRO B 59 4.52 -19.43 -13.33
CA PRO B 59 5.11 -19.53 -12.00
C PRO B 59 3.98 -19.68 -11.00
N GLY B 60 4.20 -20.44 -9.95
CA GLY B 60 3.29 -20.39 -8.85
C GLY B 60 1.85 -20.84 -9.06
N MET B 61 1.22 -21.06 -7.94
CA MET B 61 -0.10 -21.62 -7.89
C MET B 61 -1.17 -20.55 -8.05
N VAL B 62 -2.35 -21.00 -8.41
CA VAL B 62 -3.51 -20.13 -8.63
C VAL B 62 -4.63 -20.59 -7.70
N MET B 63 -5.38 -19.65 -7.13
CA MET B 63 -6.49 -20.06 -6.26
C MET B 63 -7.70 -20.51 -7.10
N LYS B 64 -8.24 -21.65 -6.71
CA LYS B 64 -9.37 -22.25 -7.44
C LYS B 64 -10.62 -21.42 -7.28
N PRO B 65 -11.45 -21.37 -8.34
CA PRO B 65 -12.67 -20.55 -8.29
C PRO B 65 -13.76 -21.16 -7.41
N THR B 66 -13.68 -22.46 -7.17
CA THR B 66 -14.78 -23.16 -6.49
C THR B 66 -14.99 -22.63 -5.07
N VAL B 67 -13.92 -22.58 -4.28
CA VAL B 67 -14.02 -22.13 -2.90
C VAL B 67 -14.45 -20.67 -2.83
N TRP B 68 -13.89 -19.85 -3.71
CA TRP B 68 -14.26 -18.43 -3.79
C TRP B 68 -15.72 -18.23 -4.13
N GLY B 69 -16.21 -19.00 -5.08
CA GLY B 69 -17.61 -18.90 -5.48
C GLY B 69 -18.54 -19.15 -4.31
N ASP B 70 -18.24 -20.17 -3.54
CA ASP B 70 -19.09 -20.52 -2.40
C ASP B 70 -19.06 -19.43 -1.34
N ALA B 71 -17.86 -18.93 -1.04
CA ALA B 71 -17.72 -17.85 -0.07
C ALA B 71 -18.46 -16.58 -0.50
N LEU B 72 -18.25 -16.17 -1.76
CA LEU B 72 -18.84 -14.91 -2.22
C LEU B 72 -20.36 -15.00 -2.37
N ASP B 73 -20.86 -16.16 -2.78
CA ASP B 73 -22.32 -16.37 -2.84
C ASP B 73 -23.00 -16.10 -1.50
N GLU B 74 -22.35 -16.50 -0.42
CA GLU B 74 -22.91 -16.33 0.91
C GLU B 74 -22.82 -14.88 1.40
N ILE B 75 -21.70 -14.23 1.08
CA ILE B 75 -21.41 -12.90 1.62
C ILE B 75 -22.01 -11.76 0.78
N CYS B 76 -22.05 -11.92 -0.53
CA CYS B 76 -22.51 -10.86 -1.44
C CYS B 76 -23.99 -10.87 -1.74
N THR B 77 -24.50 -9.71 -2.16
CA THR B 77 -25.80 -9.59 -2.81
C THR B 77 -25.57 -8.90 -4.16
N SER B 78 -26.64 -8.74 -4.93
CA SER B 78 -26.51 -8.06 -6.22
C SER B 78 -26.19 -6.58 -6.09
N GLU B 79 -26.33 -6.03 -4.89
CA GLU B 79 -26.05 -4.62 -4.62
C GLU B 79 -24.62 -4.40 -4.15
N THR B 80 -23.93 -5.50 -3.84
CA THR B 80 -22.56 -5.47 -3.36
C THR B 80 -21.58 -4.93 -4.39
N LEU B 81 -20.60 -4.15 -3.94
CA LEU B 81 -19.47 -3.84 -4.80
C LEU B 81 -18.32 -4.79 -4.46
N LEU B 82 -17.98 -5.67 -5.39
CA LEU B 82 -16.89 -6.61 -5.18
C LEU B 82 -15.56 -5.97 -5.64
N VAL B 83 -14.65 -5.78 -4.70
CA VAL B 83 -13.34 -5.20 -4.95
C VAL B 83 -12.29 -6.30 -4.95
N VAL B 84 -11.49 -6.36 -6.01
CA VAL B 84 -10.44 -7.37 -6.11
C VAL B 84 -9.06 -6.71 -6.28
N PRO B 85 -8.28 -6.64 -5.20
CA PRO B 85 -6.92 -6.11 -5.37
C PRO B 85 -6.11 -6.99 -6.32
N THR B 86 -5.37 -6.35 -7.21
CA THR B 86 -4.48 -7.05 -8.15
C THR B 86 -3.52 -6.04 -8.73
N PRO B 87 -2.24 -6.42 -8.92
CA PRO B 87 -1.27 -5.50 -9.52
C PRO B 87 -1.64 -5.18 -10.97
N ALA B 88 -2.53 -5.97 -11.56
CA ALA B 88 -2.97 -5.74 -12.93
C ALA B 88 -4.31 -4.98 -12.97
N GLY B 89 -4.71 -4.38 -11.85
CA GLY B 89 -6.01 -3.71 -11.81
C GLY B 89 -6.02 -2.27 -12.36
N TYR B 90 -7.20 -1.68 -12.45
CA TYR B 90 -7.31 -0.23 -12.69
C TYR B 90 -6.69 0.49 -11.49
N PRO B 91 -6.12 1.69 -11.70
CA PRO B 91 -5.52 2.37 -10.54
C PRO B 91 -6.55 2.74 -9.47
N PHE B 92 -6.26 2.43 -8.21
CA PHE B 92 -7.08 2.94 -7.11
C PHE B 92 -6.54 4.32 -6.71
N THR B 93 -7.37 5.34 -6.82
CA THR B 93 -6.97 6.71 -6.52
C THR B 93 -7.97 7.39 -5.60
N GLN B 94 -7.69 8.65 -5.24
CA GLN B 94 -8.60 9.39 -4.37
C GLN B 94 -9.98 9.54 -5.03
N GLU B 95 -10.04 9.67 -6.35
CA GLU B 95 -11.33 9.73 -7.01
C GLU B 95 -12.09 8.39 -6.80
N THR B 96 -11.38 7.27 -6.87
CA THR B 96 -12.01 5.98 -6.56
C THR B 96 -12.55 5.96 -5.14
N ALA B 97 -11.73 6.42 -4.20
CA ALA B 97 -12.14 6.43 -2.80
C ALA B 97 -13.42 7.27 -2.58
N TRP B 98 -13.51 8.44 -3.23
CA TRP B 98 -14.74 9.25 -3.18
C TRP B 98 -15.94 8.50 -3.75
N GLN B 99 -15.74 7.82 -4.88
CA GLN B 99 -16.83 7.09 -5.51
C GLN B 99 -17.35 5.98 -4.61
N TRP B 100 -16.44 5.29 -3.92
CA TRP B 100 -16.82 4.15 -3.10
C TRP B 100 -17.34 4.55 -1.72
N SER B 101 -17.06 5.78 -1.32
CA SER B 101 -17.42 6.25 0.02
C SER B 101 -18.93 6.26 0.30
N THR B 102 -19.73 6.26 -0.75
CA THR B 102 -21.17 6.30 -0.56
C THR B 102 -21.82 4.95 -0.81
N GLU B 103 -21.00 3.90 -0.93
CA GLU B 103 -21.52 2.55 -1.09
C GLU B 103 -22.03 1.99 0.22
N ASP B 104 -23.07 1.17 0.15
CA ASP B 104 -23.60 0.48 1.32
C ASP B 104 -22.76 -0.73 1.73
N HIS B 105 -22.19 -1.43 0.76
CA HIS B 105 -21.57 -2.74 1.02
C HIS B 105 -20.39 -3.03 0.10
N LEU B 106 -19.19 -3.14 0.69
CA LEU B 106 -17.99 -3.52 -0.05
C LEU B 106 -17.53 -4.91 0.40
N VAL B 107 -17.23 -5.77 -0.57
CA VAL B 107 -16.59 -7.03 -0.26
C VAL B 107 -15.22 -7.05 -0.93
N ILE B 108 -14.18 -7.29 -0.15
CA ILE B 108 -12.84 -7.27 -0.68
C ILE B 108 -12.25 -8.69 -0.71
N ALA B 109 -12.04 -9.19 -1.93
CA ALA B 109 -11.54 -10.55 -2.11
C ALA B 109 -10.02 -10.53 -2.23
N CYS B 110 -9.34 -10.92 -1.16
CA CYS B 110 -7.86 -10.91 -1.15
C CYS B 110 -7.26 -12.21 -1.64
N GLY B 111 -6.47 -12.13 -2.71
CA GLY B 111 -5.75 -13.29 -3.19
C GLY B 111 -4.36 -13.44 -2.57
N ARG B 112 -3.81 -14.63 -2.77
CA ARG B 112 -2.42 -14.95 -2.42
C ARG B 112 -1.90 -15.82 -3.57
N TYR B 113 -0.72 -16.41 -3.38
CA TYR B 113 -0.05 -17.19 -4.44
C TYR B 113 0.11 -16.29 -5.66
N GLU B 114 -0.23 -16.80 -6.85
CA GLU B 114 -0.20 -15.96 -8.05
C GLU B 114 -1.56 -15.39 -8.39
N GLY B 115 -2.48 -15.42 -7.44
CA GLY B 115 -3.75 -14.77 -7.65
C GLY B 115 -4.93 -15.72 -7.72
N ILE B 116 -6.07 -15.18 -8.12
CA ILE B 116 -7.34 -15.89 -8.12
C ILE B 116 -7.69 -16.22 -9.56
N ASP B 117 -8.18 -17.44 -9.82
CA ASP B 117 -8.71 -17.80 -11.13
C ASP B 117 -9.61 -16.70 -11.71
N GLN B 118 -9.38 -16.32 -12.96
CA GLN B 118 -10.06 -15.16 -13.54
C GLN B 118 -11.58 -15.33 -13.63
N ARG B 119 -12.05 -16.57 -13.65
CA ARG B 119 -13.49 -16.80 -13.74
C ARG B 119 -14.26 -16.30 -12.50
N VAL B 120 -13.58 -16.16 -11.36
CA VAL B 120 -14.26 -15.65 -10.16
C VAL B 120 -14.78 -14.24 -10.42
N ALA B 121 -13.92 -13.36 -10.91
CA ALA B 121 -14.31 -11.98 -11.22
C ALA B 121 -15.27 -11.94 -12.40
N ASP B 122 -15.00 -12.77 -13.41
CA ASP B 122 -15.81 -12.75 -14.63
C ASP B 122 -17.22 -13.25 -14.37
N ASP B 123 -17.36 -14.31 -13.56
CA ASP B 123 -18.66 -14.83 -13.19
C ASP B 123 -19.39 -13.84 -12.28
N ALA B 124 -18.67 -13.28 -11.30
CA ALA B 124 -19.34 -12.34 -10.40
C ALA B 124 -19.88 -11.13 -11.16
N ALA B 125 -19.19 -10.73 -12.23
CA ALA B 125 -19.60 -9.54 -12.99
C ALA B 125 -20.93 -9.74 -13.72
N THR B 126 -21.39 -10.98 -13.83
CA THR B 126 -22.69 -11.26 -14.45
C THR B 126 -23.84 -11.03 -13.47
N ARG B 127 -23.53 -10.79 -12.20
CA ARG B 127 -24.56 -10.64 -11.18
C ARG B 127 -24.37 -9.45 -10.23
N MET B 128 -23.21 -8.82 -10.27
CA MET B 128 -22.94 -7.70 -9.38
C MET B 128 -21.84 -6.84 -10.01
N ARG B 129 -21.59 -5.66 -9.44
CA ARG B 129 -20.53 -4.81 -9.92
C ARG B 129 -19.20 -5.29 -9.35
N VAL B 130 -18.20 -5.38 -10.23
CA VAL B 130 -16.88 -5.88 -9.84
C VAL B 130 -15.81 -4.87 -10.24
N ARG B 131 -14.85 -4.67 -9.35
CA ARG B 131 -13.74 -3.73 -9.59
C ARG B 131 -12.39 -4.35 -9.24
N GLU B 132 -11.61 -4.66 -10.27
CA GLU B 132 -10.21 -5.05 -10.10
C GLU B 132 -9.35 -3.79 -10.02
N VAL B 133 -8.62 -3.60 -8.91
CA VAL B 133 -7.84 -2.37 -8.74
C VAL B 133 -6.46 -2.64 -8.15
N SER B 134 -5.54 -1.72 -8.44
CA SER B 134 -4.20 -1.76 -7.88
CA SER B 134 -4.20 -1.77 -7.87
C SER B 134 -3.93 -0.52 -7.05
N ILE B 135 -3.32 -0.69 -5.88
CA ILE B 135 -2.99 0.46 -5.05
C ILE B 135 -1.65 1.12 -5.40
N GLY B 136 -0.90 0.56 -6.35
CA GLY B 136 0.35 1.19 -6.75
C GLY B 136 1.27 0.28 -7.57
N ASP B 137 2.31 0.87 -8.18
CA ASP B 137 3.15 0.10 -9.11
C ASP B 137 4.34 -0.53 -8.39
N TYR B 138 4.02 -1.43 -7.49
CA TYR B 138 4.99 -2.26 -6.78
C TYR B 138 4.29 -3.60 -6.58
N VAL B 139 5.05 -4.65 -6.23
CA VAL B 139 4.50 -5.99 -6.06
C VAL B 139 4.45 -6.38 -4.58
N LEU B 140 3.30 -6.88 -4.15
CA LEU B 140 3.08 -7.42 -2.83
C LEU B 140 2.97 -8.95 -2.90
N ASN B 141 2.92 -9.62 -1.75
CA ASN B 141 2.74 -11.09 -1.73
C ASN B 141 1.26 -11.49 -1.75
N GLY B 142 0.36 -10.53 -1.64
CA GLY B 142 -1.06 -10.86 -1.62
C GLY B 142 -1.87 -9.59 -1.43
N GLY B 143 -3.21 -9.74 -1.41
CA GLY B 143 -4.12 -8.61 -1.38
C GLY B 143 -4.40 -7.98 -0.04
N GLU B 144 -3.94 -8.58 1.05
CA GLU B 144 -4.31 -8.11 2.39
C GLU B 144 -3.79 -6.69 2.71
N ALA B 145 -2.54 -6.37 2.37
CA ALA B 145 -2.03 -5.02 2.61
C ALA B 145 -2.82 -4.01 1.80
N ALA B 146 -3.12 -4.37 0.55
CA ALA B 146 -3.95 -3.53 -0.31
C ALA B 146 -5.32 -3.31 0.29
N ALA B 147 -5.91 -4.37 0.85
CA ALA B 147 -7.22 -4.24 1.50
C ALA B 147 -7.16 -3.21 2.64
N LEU B 148 -6.08 -3.23 3.43
CA LEU B 148 -5.95 -2.31 4.55
C LEU B 148 -5.91 -0.86 4.05
N VAL B 149 -5.13 -0.65 2.98
CA VAL B 149 -5.00 0.66 2.35
C VAL B 149 -6.34 1.16 1.80
N ILE B 150 -7.05 0.30 1.08
CA ILE B 150 -8.35 0.66 0.52
C ILE B 150 -9.36 1.00 1.62
N ILE B 151 -9.40 0.19 2.67
CA ILE B 151 -10.31 0.44 3.78
C ILE B 151 -10.01 1.81 4.41
N GLU B 152 -8.74 2.09 4.68
CA GLU B 152 -8.37 3.36 5.30
C GLU B 152 -8.75 4.55 4.43
N ALA B 153 -8.44 4.49 3.13
CA ALA B 153 -8.72 5.63 2.27
C ALA B 153 -10.23 5.88 2.13
N VAL B 154 -11.01 4.81 2.11
CA VAL B 154 -12.45 4.93 1.88
C VAL B 154 -13.18 5.35 3.14
N LEU B 155 -12.86 4.70 4.26
CA LEU B 155 -13.62 4.93 5.49
C LEU B 155 -13.47 6.37 5.98
N ARG B 156 -12.31 6.99 5.74
CA ARG B 156 -12.16 8.36 6.22
C ARG B 156 -13.06 9.35 5.43
N LEU B 157 -13.60 8.92 4.31
CA LEU B 157 -14.49 9.75 3.50
C LEU B 157 -15.99 9.49 3.74
N VAL B 158 -16.31 8.42 4.43
CA VAL B 158 -17.70 8.05 4.65
C VAL B 158 -18.42 9.14 5.44
N PRO B 159 -19.60 9.58 4.97
CA PRO B 159 -20.31 10.70 5.60
C PRO B 159 -20.49 10.49 7.10
N GLY B 160 -19.98 11.44 7.89
CA GLY B 160 -20.10 11.35 9.34
C GLY B 160 -18.90 10.79 10.07
N VAL B 161 -17.95 10.20 9.33
CA VAL B 161 -16.78 9.58 9.97
C VAL B 161 -15.68 10.60 10.29
N SER B 179 -3.86 17.14 -7.59
CA SER B 179 -3.47 18.31 -8.38
C SER B 179 -2.07 18.81 -8.03
N LEU B 180 -1.84 19.05 -6.74
CA LEU B 180 -0.55 19.54 -6.25
C LEU B 180 -0.14 18.87 -4.95
N LEU B 181 1.16 18.84 -4.70
CA LEU B 181 1.70 18.25 -3.49
C LEU B 181 1.72 19.28 -2.36
N GLU B 182 1.44 18.84 -1.14
CA GLU B 182 1.53 19.71 0.03
C GLU B 182 2.95 20.19 0.25
N GLY B 183 3.08 21.45 0.63
CA GLY B 183 4.39 22.01 0.95
C GLY B 183 4.75 21.63 2.38
N PRO B 184 5.89 22.13 2.86
CA PRO B 184 6.41 21.79 4.20
C PRO B 184 5.63 22.49 5.31
N SER B 185 5.59 21.88 6.50
CA SER B 185 4.93 22.44 7.66
CA SER B 185 4.93 22.48 7.65
C SER B 185 5.92 22.58 8.81
N TYR B 186 5.65 23.51 9.72
CA TYR B 186 6.56 23.79 10.84
C TYR B 186 5.79 24.08 12.11
N THR B 187 6.40 23.79 13.26
CA THR B 187 5.82 24.19 14.53
C THR B 187 6.95 24.58 15.49
N ARG B 188 6.62 24.77 16.76
CA ARG B 188 7.61 25.33 17.70
C ARG B 188 8.71 24.31 18.02
N PRO B 189 9.94 24.78 18.34
CA PRO B 189 10.38 26.18 18.47
C PRO B 189 10.77 26.81 17.15
N PRO B 190 10.79 28.15 17.09
CA PRO B 190 11.04 28.85 15.83
C PRO B 190 12.45 28.67 15.28
N SER B 191 13.42 28.38 16.16
CA SER B 191 14.75 27.98 15.75
C SER B 191 15.09 26.66 16.44
N TRP B 192 15.55 25.67 15.67
CA TRP B 192 15.87 24.34 16.19
C TRP B 192 17.12 23.79 15.50
N ARG B 193 18.12 23.44 16.30
CA ARG B 193 19.43 23.01 15.78
C ARG B 193 19.99 23.99 14.78
N GLY B 194 19.72 25.28 15.01
CA GLY B 194 20.20 26.32 14.12
C GLY B 194 19.43 26.42 12.82
N MET B 195 18.29 25.74 12.74
CA MET B 195 17.42 25.83 11.57
C MET B 195 16.16 26.64 11.89
N ASP B 196 15.96 27.73 11.15
CA ASP B 196 14.86 28.63 11.42
C ASP B 196 13.61 28.27 10.63
N VAL B 197 12.45 28.41 11.24
CA VAL B 197 11.19 28.38 10.49
C VAL B 197 11.22 29.54 9.49
N PRO B 198 10.78 29.31 8.23
CA PRO B 198 10.74 30.41 7.25
C PRO B 198 10.02 31.63 7.81
N PRO B 199 10.68 32.79 7.81
CA PRO B 199 10.20 34.01 8.45
C PRO B 199 8.78 34.43 8.04
N VAL B 200 8.44 34.26 6.76
CA VAL B 200 7.09 34.60 6.30
C VAL B 200 6.00 33.92 7.13
N LEU B 201 6.27 32.71 7.64
CA LEU B 201 5.25 31.99 8.39
C LEU B 201 5.01 32.62 9.75
N LEU B 202 5.93 33.46 10.19
CA LEU B 202 5.81 34.15 11.46
C LEU B 202 5.23 35.55 11.28
N SER B 203 4.97 35.94 10.04
CA SER B 203 4.62 37.32 9.71
C SER B 203 3.16 37.71 9.96
N GLY B 204 2.28 36.73 10.09
CA GLY B 204 0.87 36.99 10.26
C GLY B 204 0.16 37.44 8.98
N ASP B 205 0.94 37.67 7.93
CA ASP B 205 0.41 38.12 6.64
C ASP B 205 -0.15 36.95 5.81
N HIS B 206 -1.47 36.77 5.88
CA HIS B 206 -2.14 35.64 5.23
C HIS B 206 -1.85 35.57 3.73
N ALA B 207 -1.83 36.72 3.06
CA ALA B 207 -1.56 36.75 1.62
C ALA B 207 -0.13 36.34 1.26
N LYS B 208 0.86 36.82 2.01
CA LYS B 208 2.24 36.44 1.74
C LYS B 208 2.48 34.96 2.07
N ILE B 209 1.88 34.50 3.16
CA ILE B 209 1.97 33.09 3.55
C ILE B 209 1.34 32.19 2.49
N ALA B 210 0.15 32.54 2.02
CA ALA B 210 -0.51 31.75 1.00
C ALA B 210 0.32 31.70 -0.29
N ALA B 211 1.00 32.81 -0.60
CA ALA B 211 1.86 32.90 -1.78
C ALA B 211 3.12 32.05 -1.66
N TRP B 212 3.74 32.08 -0.49
CA TRP B 212 4.95 31.31 -0.27
C TRP B 212 4.62 29.82 -0.30
N ARG B 213 3.49 29.46 0.29
CA ARG B 213 3.08 28.07 0.34
C ARG B 213 2.76 27.56 -1.06
N ALA B 214 2.11 28.40 -1.86
CA ALA B 214 1.82 28.05 -3.25
C ALA B 214 3.10 27.80 -4.02
N GLU B 215 4.11 28.64 -3.81
CA GLU B 215 5.38 28.50 -4.51
C GLU B 215 6.11 27.23 -4.06
N GLN B 216 5.98 26.89 -2.79
CA GLN B 216 6.60 25.68 -2.27
C GLN B 216 5.96 24.44 -2.88
N SER B 217 4.64 24.44 -2.93
CA SER B 217 3.88 23.33 -3.50
CA SER B 217 3.91 23.31 -3.50
C SER B 217 4.22 23.13 -4.98
N ARG B 218 4.35 24.25 -5.71
CA ARG B 218 4.69 24.19 -7.13
C ARG B 218 6.03 23.54 -7.35
N GLN B 219 7.02 24.04 -6.61
CA GLN B 219 8.37 23.55 -6.68
C GLN B 219 8.42 22.06 -6.35
N ARG B 220 7.69 21.67 -5.31
CA ARG B 220 7.69 20.27 -4.89
C ARG B 220 7.04 19.37 -5.94
N THR B 221 5.94 19.84 -6.51
CA THR B 221 5.20 19.02 -7.49
C THR B 221 6.02 18.82 -8.77
N ILE B 222 6.61 19.89 -9.28
CA ILE B 222 7.47 19.81 -10.46
C ILE B 222 8.65 18.87 -10.28
N GLU B 223 9.25 18.88 -9.09
CA GLU B 223 10.40 18.04 -8.83
C GLU B 223 10.03 16.57 -8.59
N ARG B 224 8.93 16.34 -7.88
CA ARG B 224 8.59 15.01 -7.39
C ARG B 224 7.52 14.29 -8.20
N ARG B 225 6.55 15.05 -8.69
CA ARG B 225 5.43 14.47 -9.44
C ARG B 225 5.10 15.33 -10.66
N PRO B 226 6.04 15.44 -11.60
CA PRO B 226 5.76 16.28 -12.77
C PRO B 226 4.58 15.77 -13.58
N ASP B 227 4.24 14.49 -13.45
CA ASP B 227 3.08 13.93 -14.16
C ASP B 227 1.78 14.62 -13.75
N LEU B 228 1.72 15.13 -12.52
CA LEU B 228 0.48 15.74 -12.04
C LEU B 228 0.20 17.06 -12.75
N LEU B 229 1.24 17.66 -13.31
CA LEU B 229 1.12 18.93 -14.00
C LEU B 229 1.23 18.76 -15.51
N GLY B 230 1.15 17.51 -15.96
CA GLY B 230 1.14 17.21 -17.38
C GLY B 230 2.51 17.16 -18.04
N PHE B 231 3.55 16.85 -17.27
CA PHE B 231 4.87 16.67 -17.84
C PHE B 231 5.29 15.20 -17.82
N ASP B 232 6.37 14.90 -18.54
CA ASP B 232 6.92 13.56 -18.57
C ASP B 232 7.46 13.14 -17.20
N SER B 233 7.16 11.92 -16.79
CA SER B 233 7.85 11.30 -15.65
C SER B 233 9.33 11.12 -15.99
N PRO B 234 10.21 11.17 -14.97
CA PRO B 234 11.67 11.12 -15.18
C PRO B 234 12.14 9.93 -16.03
#